data_1WMI
#
_entry.id   1WMI
#
_cell.length_a   47.533
_cell.length_b   142.651
_cell.length_c   37.168
_cell.angle_alpha   90.00
_cell.angle_beta   90.00
_cell.angle_gamma   90.00
#
_symmetry.space_group_name_H-M   'P 21 21 2'
#
loop_
_entity.id
_entity.type
_entity.pdbx_description
1 polymer 'hypothetical protein PHS013'
2 polymer 'hypothetical protein PHS014'
3 water water
#
loop_
_entity_poly.entity_id
_entity_poly.type
_entity_poly.pdbx_seq_one_letter_code
_entity_poly.pdbx_strand_id
1 'polypeptide(L)'
;MTYRVKIHKQVVKALQSLPKAHYRRFLEFRDILEYEPVPREKFDVIKLEGTGDLDLYRARLGDYRVIYSVNWKDKVIKIL
KLKPRGRAYK
;
A,C
2 'polypeptide(L)' MRMEKVGDVLKELERLKVEIQRLEAMLMPEERDEDITEEEIAELLELARDEDPENWIDAEELPEPED B,D
#
# COMPACT_ATOMS: atom_id res chain seq x y z
N MET A 1 -23.05 3.53 11.49
CA MET A 1 -23.19 2.13 11.98
C MET A 1 -23.16 1.15 10.83
N THR A 2 -23.22 1.68 9.60
CA THR A 2 -23.23 0.85 8.37
C THR A 2 -22.75 -0.60 8.58
N TYR A 3 -21.52 -0.76 9.06
CA TYR A 3 -20.95 -2.09 9.28
C TYR A 3 -20.69 -2.38 10.74
N ARG A 4 -20.90 -3.63 11.15
CA ARG A 4 -20.66 -4.03 12.53
C ARG A 4 -19.21 -4.51 12.57
N VAL A 5 -18.42 -3.94 13.47
CA VAL A 5 -17.02 -4.31 13.60
C VAL A 5 -16.75 -5.19 14.82
N LYS A 6 -16.07 -6.31 14.58
CA LYS A 6 -15.74 -7.24 15.65
C LYS A 6 -14.24 -7.45 15.73
N ILE A 7 -13.75 -7.71 16.94
CA ILE A 7 -12.34 -7.92 17.16
C ILE A 7 -12.13 -9.29 17.79
N HIS A 8 -11.12 -10.00 17.30
CA HIS A 8 -10.83 -11.31 17.83
C HIS A 8 -10.20 -11.13 19.20
N LYS A 9 -10.54 -12.03 20.12
CA LYS A 9 -10.06 -12.00 21.49
C LYS A 9 -8.55 -11.75 21.64
N GLN A 10 -7.75 -12.47 20.88
CA GLN A 10 -6.31 -12.33 20.95
C GLN A 10 -5.82 -10.94 20.50
N VAL A 11 -6.57 -10.30 19.61
CA VAL A 11 -6.21 -8.96 19.15
C VAL A 11 -6.44 -8.00 20.30
N VAL A 12 -7.59 -8.11 20.95
CA VAL A 12 -7.91 -7.24 22.07
C VAL A 12 -6.77 -7.29 23.09
N LYS A 13 -6.24 -8.48 23.34
CA LYS A 13 -5.16 -8.65 24.30
C LYS A 13 -3.89 -7.95 23.83
N ALA A 14 -3.54 -8.15 22.56
CA ALA A 14 -2.34 -7.54 21.99
C ALA A 14 -2.42 -6.02 21.98
N LEU A 15 -3.65 -5.51 21.90
CA LEU A 15 -3.95 -4.09 21.86
C LEU A 15 -3.53 -3.35 23.12
N GLN A 16 -3.40 -4.08 24.22
CA GLN A 16 -3.04 -3.45 25.48
C GLN A 16 -1.54 -3.14 25.61
N SER A 17 -0.73 -3.66 24.69
CA SER A 17 0.70 -3.43 24.71
C SER A 17 1.02 -2.13 24.01
N LEU A 18 0.01 -1.57 23.34
CA LEU A 18 0.20 -0.33 22.60
C LEU A 18 0.13 0.95 23.42
N PRO A 19 0.92 1.95 23.00
CA PRO A 19 0.99 3.25 23.66
C PRO A 19 -0.40 3.89 23.52
N LYS A 20 -0.78 4.71 24.49
CA LYS A 20 -2.08 5.38 24.48
C LYS A 20 -2.39 5.89 23.06
N ALA A 21 -1.41 6.58 22.47
CA ALA A 21 -1.53 7.14 21.13
C ALA A 21 -1.93 6.13 20.05
N HIS A 22 -1.22 5.00 20.01
CA HIS A 22 -1.51 3.96 19.02
C HIS A 22 -2.91 3.37 19.19
N TYR A 23 -3.32 3.21 20.44
CA TYR A 23 -4.63 2.67 20.73
C TYR A 23 -5.70 3.60 20.19
N ARG A 24 -5.50 4.90 20.39
CA ARG A 24 -6.42 5.93 19.92
C ARG A 24 -6.62 5.82 18.41
N ARG A 25 -5.52 5.57 17.71
CA ARG A 25 -5.52 5.43 16.25
C ARG A 25 -6.36 4.22 15.83
N PHE A 26 -6.26 3.15 16.64
CA PHE A 26 -6.99 1.93 16.35
C PHE A 26 -8.49 2.21 16.44
N LEU A 27 -8.88 2.95 17.47
CA LEU A 27 -10.28 3.30 17.65
C LEU A 27 -10.79 4.14 16.48
N GLU A 28 -9.93 5.01 15.94
CA GLU A 28 -10.36 5.83 14.81
C GLU A 28 -10.54 4.92 13.61
N PHE A 29 -9.65 3.95 13.47
CA PHE A 29 -9.71 2.99 12.38
C PHE A 29 -11.04 2.25 12.51
N ARG A 30 -11.40 1.88 13.73
CA ARG A 30 -12.67 1.19 13.98
C ARG A 30 -13.85 2.09 13.60
N ASP A 31 -13.79 3.35 14.02
CA ASP A 31 -14.87 4.29 13.71
C ASP A 31 -15.04 4.47 12.20
N ILE A 32 -13.93 4.55 11.48
CA ILE A 32 -13.99 4.72 10.04
C ILE A 32 -14.47 3.45 9.35
N LEU A 33 -14.01 2.30 9.84
CA LEU A 33 -14.39 1.01 9.28
C LEU A 33 -15.91 0.79 9.25
N GLU A 34 -16.61 1.33 10.25
CA GLU A 34 -18.06 1.19 10.32
C GLU A 34 -18.79 1.90 9.19
N TYR A 35 -18.14 2.87 8.57
CA TYR A 35 -18.74 3.59 7.44
C TYR A 35 -18.12 3.15 6.13
N GLU A 36 -16.80 3.02 6.13
CA GLU A 36 -16.03 2.66 4.95
C GLU A 36 -15.21 1.40 5.23
N PRO A 37 -15.61 0.26 4.63
CA PRO A 37 -14.90 -1.01 4.83
C PRO A 37 -13.47 -1.06 4.30
N VAL A 38 -13.19 -0.30 3.24
CA VAL A 38 -11.85 -0.26 2.68
C VAL A 38 -11.37 1.18 2.52
N PRO A 39 -10.91 1.79 3.63
CA PRO A 39 -10.42 3.18 3.59
C PRO A 39 -9.00 3.15 3.01
N ARG A 40 -8.92 2.83 1.73
CA ARG A 40 -7.64 2.69 1.02
C ARG A 40 -6.62 3.79 1.23
N GLU A 41 -7.02 5.03 0.98
CA GLU A 41 -6.14 6.18 1.09
C GLU A 41 -5.58 6.47 2.48
N LYS A 42 -6.47 6.57 3.46
CA LYS A 42 -6.06 6.88 4.82
C LYS A 42 -5.28 5.80 5.54
N PHE A 43 -5.50 4.54 5.16
CA PHE A 43 -4.80 3.45 5.83
C PHE A 43 -4.00 2.52 4.93
N ASP A 44 -3.64 3.01 3.74
CA ASP A 44 -2.83 2.25 2.79
C ASP A 44 -3.24 0.79 2.74
N VAL A 45 -4.54 0.55 2.75
CA VAL A 45 -5.06 -0.82 2.74
C VAL A 45 -4.96 -1.52 1.39
N ILE A 46 -4.71 -2.84 1.44
CA ILE A 46 -4.61 -3.67 0.24
C ILE A 46 -5.48 -4.91 0.40
N LYS A 47 -6.08 -5.37 -0.69
CA LYS A 47 -6.91 -6.57 -0.64
C LYS A 47 -6.02 -7.81 -0.77
N LEU A 48 -5.95 -8.58 0.31
CA LEU A 48 -5.16 -9.80 0.35
C LEU A 48 -5.87 -10.86 -0.47
N GLU A 49 -7.02 -11.28 0.02
CA GLU A 49 -7.82 -12.31 -0.62
C GLU A 49 -9.22 -11.81 -0.97
N GLY A 50 -9.46 -11.60 -2.26
CA GLY A 50 -10.76 -11.15 -2.71
C GLY A 50 -11.54 -12.35 -3.21
N THR A 51 -12.78 -12.50 -2.75
CA THR A 51 -13.58 -13.64 -3.17
C THR A 51 -15.09 -13.38 -3.24
N GLY A 52 -15.49 -12.18 -3.66
CA GLY A 52 -16.90 -11.87 -3.76
C GLY A 52 -17.69 -11.95 -2.46
N ASP A 53 -17.36 -12.93 -1.62
CA ASP A 53 -18.04 -13.08 -0.33
C ASP A 53 -17.29 -12.29 0.71
N LEU A 54 -16.37 -12.94 1.39
CA LEU A 54 -15.56 -12.26 2.38
C LEU A 54 -14.22 -11.97 1.73
N ASP A 55 -13.70 -10.79 2.02
CA ASP A 55 -12.41 -10.37 1.50
C ASP A 55 -11.50 -10.19 2.69
N LEU A 56 -10.21 -10.45 2.49
CA LEU A 56 -9.21 -10.26 3.54
C LEU A 56 -8.49 -9.00 3.11
N TYR A 57 -8.11 -8.18 4.08
CA TYR A 57 -7.42 -6.93 3.81
C TYR A 57 -6.30 -6.72 4.82
N ARG A 58 -5.39 -5.82 4.48
CA ARG A 58 -4.30 -5.45 5.38
C ARG A 58 -4.27 -3.94 5.45
N ALA A 59 -4.42 -3.41 6.66
CA ALA A 59 -4.40 -1.97 6.87
C ALA A 59 -3.12 -1.61 7.61
N ARG A 60 -2.58 -0.44 7.30
CA ARG A 60 -1.37 0.02 7.95
C ARG A 60 -1.73 1.20 8.87
N LEU A 61 -1.46 1.04 10.16
CA LEU A 61 -1.76 2.09 11.11
C LEU A 61 -0.49 2.81 11.56
N GLY A 62 0.61 2.53 10.88
CA GLY A 62 1.87 3.16 11.23
C GLY A 62 2.88 2.16 11.75
N ASP A 63 3.05 2.13 13.06
CA ASP A 63 4.00 1.21 13.69
C ASP A 63 3.61 -0.26 13.58
N TYR A 64 2.40 -0.52 13.10
CA TYR A 64 1.94 -1.89 12.96
C TYR A 64 0.89 -2.03 11.87
N ARG A 65 0.54 -3.27 11.55
CA ARG A 65 -0.45 -3.55 10.52
C ARG A 65 -1.60 -4.40 11.08
N VAL A 66 -2.80 -4.18 10.57
CA VAL A 66 -3.95 -4.96 11.02
C VAL A 66 -4.57 -5.66 9.82
N ILE A 67 -4.87 -6.94 9.99
CA ILE A 67 -5.50 -7.73 8.94
C ILE A 67 -6.94 -8.02 9.35
N TYR A 68 -7.87 -7.79 8.43
CA TYR A 68 -9.28 -7.98 8.73
C TYR A 68 -10.07 -8.51 7.56
N SER A 69 -11.28 -8.97 7.83
CA SER A 69 -12.14 -9.50 6.79
C SER A 69 -13.40 -8.66 6.66
N VAL A 70 -13.98 -8.67 5.48
CA VAL A 70 -15.21 -7.94 5.23
C VAL A 70 -16.22 -8.91 4.64
N ASN A 71 -17.32 -9.08 5.37
CA ASN A 71 -18.40 -9.96 4.94
C ASN A 71 -19.44 -8.99 4.43
N TRP A 72 -19.48 -8.81 3.10
CA TRP A 72 -20.41 -7.88 2.50
C TRP A 72 -21.87 -8.23 2.69
N LYS A 73 -22.18 -9.52 2.67
CA LYS A 73 -23.55 -10.01 2.82
C LYS A 73 -24.15 -9.62 4.17
N ASP A 74 -23.41 -9.92 5.24
CA ASP A 74 -23.86 -9.61 6.60
C ASP A 74 -23.41 -8.25 7.09
N LYS A 75 -22.50 -7.61 6.34
CA LYS A 75 -21.95 -6.32 6.71
C LYS A 75 -21.18 -6.44 8.03
N VAL A 76 -20.30 -7.44 8.09
CA VAL A 76 -19.50 -7.67 9.29
C VAL A 76 -18.03 -7.57 8.96
N ILE A 77 -17.33 -6.74 9.71
CA ILE A 77 -15.89 -6.54 9.55
C ILE A 77 -15.23 -7.16 10.77
N LYS A 78 -14.27 -8.05 10.54
CA LYS A 78 -13.62 -8.69 11.67
C LYS A 78 -12.15 -8.38 11.65
N ILE A 79 -11.65 -7.93 12.79
CA ILE A 79 -10.23 -7.63 12.92
C ILE A 79 -9.61 -8.98 13.29
N LEU A 80 -8.92 -9.58 12.34
CA LEU A 80 -8.30 -10.89 12.55
C LEU A 80 -7.02 -10.88 13.38
N LYS A 81 -6.03 -10.09 12.98
CA LYS A 81 -4.78 -10.04 13.73
C LYS A 81 -3.91 -8.82 13.46
N LEU A 82 -2.86 -8.67 14.26
CA LEU A 82 -1.93 -7.55 14.15
C LEU A 82 -0.59 -8.08 13.68
N LYS A 83 0.20 -7.20 13.09
CA LYS A 83 1.54 -7.53 12.61
C LYS A 83 2.49 -6.34 12.78
N PRO A 84 3.80 -6.63 12.88
CA PRO A 84 4.84 -5.59 13.04
C PRO A 84 4.82 -4.59 11.90
N ARG A 85 5.69 -3.58 12.00
CA ARG A 85 5.82 -2.53 11.00
C ARG A 85 5.93 -3.20 9.63
N GLY A 86 6.60 -4.35 9.66
CA GLY A 86 6.89 -5.13 8.47
C GLY A 86 8.38 -5.03 8.54
N ARG A 87 9.01 -6.10 9.03
CA ARG A 87 10.46 -6.12 9.23
C ARG A 87 11.35 -5.68 8.08
N ALA A 88 10.87 -4.74 7.27
CA ALA A 88 11.62 -4.21 6.14
C ALA A 88 10.81 -3.14 5.38
N GLY B 7 -37.03 4.22 7.07
CA GLY B 7 -36.63 2.86 7.51
C GLY B 7 -36.37 1.94 6.33
N ASP B 8 -37.44 1.54 5.64
CA ASP B 8 -37.34 0.66 4.49
C ASP B 8 -36.58 1.37 3.36
N VAL B 9 -36.79 2.68 3.27
CA VAL B 9 -36.15 3.51 2.26
C VAL B 9 -34.67 3.72 2.55
N LEU B 10 -34.35 3.87 3.84
CA LEU B 10 -32.98 4.10 4.28
C LEU B 10 -32.15 2.81 4.28
N LYS B 11 -32.77 1.69 4.61
CA LYS B 11 -32.04 0.45 4.62
C LYS B 11 -31.67 0.11 3.18
N GLU B 12 -32.54 0.51 2.24
CA GLU B 12 -32.26 0.29 0.84
C GLU B 12 -31.07 1.17 0.44
N LEU B 13 -31.08 2.39 0.94
CA LEU B 13 -30.01 3.34 0.67
C LEU B 13 -28.67 2.84 1.22
N GLU B 14 -28.70 2.25 2.41
CA GLU B 14 -27.49 1.70 3.00
C GLU B 14 -27.05 0.48 2.19
N ARG B 15 -28.04 -0.28 1.74
CA ARG B 15 -27.80 -1.49 0.94
C ARG B 15 -27.05 -1.08 -0.32
N LEU B 16 -27.54 -0.07 -1.01
CA LEU B 16 -26.92 0.45 -2.23
C LEU B 16 -25.49 0.90 -1.96
N LYS B 17 -25.28 1.60 -0.86
CA LYS B 17 -23.95 2.07 -0.49
C LYS B 17 -22.99 0.88 -0.35
N VAL B 18 -23.45 -0.18 0.29
CA VAL B 18 -22.63 -1.36 0.47
C VAL B 18 -22.23 -1.96 -0.88
N GLU B 19 -23.23 -2.22 -1.72
CA GLU B 19 -22.98 -2.81 -3.03
C GLU B 19 -21.98 -2.00 -3.81
N ILE B 20 -22.10 -0.67 -3.75
CA ILE B 20 -21.17 0.19 -4.46
C ILE B 20 -19.75 0.04 -3.92
N GLN B 21 -19.63 0.00 -2.60
CA GLN B 21 -18.34 -0.16 -1.94
C GLN B 21 -17.69 -1.49 -2.29
N ARG B 22 -18.48 -2.57 -2.26
CA ARG B 22 -17.93 -3.90 -2.57
C ARG B 22 -17.55 -3.99 -4.05
N LEU B 23 -18.13 -3.10 -4.85
CA LEU B 23 -17.86 -3.07 -6.27
C LEU B 23 -16.43 -2.55 -6.46
N GLU B 24 -16.13 -1.44 -5.82
CA GLU B 24 -14.79 -0.86 -5.92
C GLU B 24 -13.76 -1.79 -5.31
N ALA B 25 -14.17 -2.55 -4.30
CA ALA B 25 -13.26 -3.50 -3.66
C ALA B 25 -12.90 -4.51 -4.76
N MET B 26 -13.93 -5.01 -5.44
CA MET B 26 -13.78 -5.95 -6.53
C MET B 26 -12.73 -5.45 -7.53
N LEU B 27 -12.77 -4.16 -7.80
CA LEU B 27 -11.84 -3.57 -8.76
C LEU B 27 -10.42 -3.41 -8.21
N MET B 28 -10.17 -3.93 -7.01
CA MET B 28 -8.83 -3.85 -6.42
C MET B 28 -8.08 -5.15 -6.68
N PRO B 29 -6.78 -5.06 -7.00
CA PRO B 29 -5.99 -6.26 -7.27
C PRO B 29 -5.59 -6.93 -5.95
N GLU B 30 -5.52 -8.26 -5.95
CA GLU B 30 -5.11 -8.99 -4.75
C GLU B 30 -3.63 -8.69 -4.52
N GLU B 31 -3.17 -8.82 -3.28
CA GLU B 31 -1.77 -8.51 -2.99
C GLU B 31 -1.36 -8.84 -1.57
N ARG B 32 -0.05 -8.98 -1.36
CA ARG B 32 0.51 -9.30 -0.05
C ARG B 32 1.77 -8.51 0.27
N ASP B 33 2.34 -8.81 1.42
CA ASP B 33 3.59 -8.23 1.89
C ASP B 33 4.42 -9.50 2.10
N GLU B 34 5.75 -9.43 1.97
CA GLU B 34 6.58 -10.63 2.17
C GLU B 34 6.06 -11.40 3.36
N ASP B 35 5.93 -10.65 4.45
CA ASP B 35 5.46 -11.13 5.74
C ASP B 35 4.25 -12.06 5.70
N ILE B 36 3.36 -11.85 4.73
CA ILE B 36 2.14 -12.64 4.63
C ILE B 36 2.16 -13.74 3.57
N THR B 37 1.91 -14.98 4.03
CA THR B 37 1.92 -16.17 3.17
C THR B 37 0.54 -16.67 2.77
N GLU B 38 0.46 -17.45 1.70
CA GLU B 38 -0.81 -17.97 1.21
C GLU B 38 -1.38 -18.81 2.34
N GLU B 39 -0.45 -19.43 3.05
CA GLU B 39 -0.76 -20.26 4.20
C GLU B 39 -1.64 -19.46 5.11
N GLU B 40 -0.98 -18.53 5.78
CA GLU B 40 -1.55 -17.63 6.75
C GLU B 40 -2.86 -17.03 6.24
N ILE B 41 -2.95 -16.82 4.93
CA ILE B 41 -4.15 -16.28 4.34
C ILE B 41 -5.25 -17.32 4.43
N ALA B 42 -4.87 -18.59 4.25
CA ALA B 42 -5.82 -19.67 4.34
C ALA B 42 -6.37 -19.68 5.76
N GLU B 43 -5.46 -19.66 6.73
CA GLU B 43 -5.86 -19.66 8.14
C GLU B 43 -6.75 -18.46 8.40
N LEU B 44 -6.44 -17.33 7.76
CA LEU B 44 -7.22 -16.11 7.95
C LEU B 44 -8.64 -16.25 7.43
N LEU B 45 -8.82 -16.80 6.23
CA LEU B 45 -10.16 -16.99 5.71
C LEU B 45 -10.86 -17.88 6.73
N GLU B 46 -10.16 -18.92 7.16
CA GLU B 46 -10.68 -19.86 8.13
C GLU B 46 -11.19 -19.14 9.38
N LEU B 47 -10.37 -18.23 9.90
CA LEU B 47 -10.76 -17.48 11.09
C LEU B 47 -11.96 -16.60 10.77
N ALA B 48 -11.86 -15.84 9.68
CA ALA B 48 -12.90 -14.94 9.25
C ALA B 48 -14.25 -15.61 9.23
N ARG B 49 -14.28 -16.88 8.86
CA ARG B 49 -15.54 -17.62 8.79
C ARG B 49 -15.92 -18.32 10.09
N ASP B 50 -15.04 -18.26 11.07
CA ASP B 50 -15.33 -18.85 12.38
C ASP B 50 -16.40 -17.97 13.00
N GLU B 51 -17.50 -18.57 13.44
CA GLU B 51 -18.58 -17.80 14.03
C GLU B 51 -18.76 -18.05 15.53
N ASP B 52 -17.81 -18.78 16.13
CA ASP B 52 -17.89 -19.06 17.56
C ASP B 52 -17.62 -17.80 18.37
N PRO B 53 -18.64 -17.32 19.12
CA PRO B 53 -18.63 -16.12 19.97
C PRO B 53 -17.42 -15.93 20.87
N GLU B 54 -17.03 -16.98 21.59
CA GLU B 54 -15.91 -16.90 22.50
C GLU B 54 -14.70 -16.20 21.89
N ASN B 55 -14.55 -16.33 20.58
CA ASN B 55 -13.43 -15.73 19.85
C ASN B 55 -13.57 -14.25 19.52
N TRP B 56 -14.78 -13.73 19.62
CA TRP B 56 -15.02 -12.34 19.25
C TRP B 56 -15.66 -11.42 20.26
N ILE B 57 -15.45 -10.13 20.05
CA ILE B 57 -16.06 -9.10 20.86
C ILE B 57 -16.36 -7.92 19.92
N ASP B 58 -17.46 -7.23 20.18
CA ASP B 58 -17.82 -6.08 19.36
C ASP B 58 -16.79 -4.97 19.62
N ALA B 59 -16.34 -4.31 18.55
CA ALA B 59 -15.35 -3.24 18.71
C ALA B 59 -15.92 -2.07 19.51
N GLU B 60 -17.24 -1.89 19.46
CA GLU B 60 -17.86 -0.80 20.18
C GLU B 60 -17.74 -0.91 21.69
N GLU B 61 -17.41 -2.10 22.18
CA GLU B 61 -17.28 -2.25 23.61
C GLU B 61 -15.81 -2.20 24.06
N LEU B 62 -15.00 -1.53 23.26
CA LEU B 62 -13.58 -1.34 23.58
C LEU B 62 -13.49 -0.10 24.45
N PRO B 63 -12.50 -0.06 25.34
CA PRO B 63 -12.30 1.09 26.24
C PRO B 63 -12.09 2.42 25.53
N GLU B 64 -12.24 3.51 26.28
CA GLU B 64 -12.08 4.88 25.77
C GLU B 64 -10.89 5.58 26.47
N PRO B 65 -9.86 6.08 25.72
CA PRO B 65 -8.70 6.76 26.32
C PRO B 65 -8.77 7.41 27.71
N GLU B 66 -7.81 6.95 28.54
CA GLU B 66 -7.59 7.33 29.93
C GLU B 66 -7.22 8.78 30.16
N ASP B 67 -6.21 9.28 29.46
CA ASP B 67 -5.75 10.68 29.57
C ASP B 67 -6.68 11.65 30.32
N MET C 1 18.13 -8.35 -17.64
CA MET C 1 18.21 -7.15 -18.54
C MET C 1 16.83 -6.47 -18.68
N THR C 2 16.67 -5.22 -18.20
CA THR C 2 15.38 -4.51 -18.35
C THR C 2 15.26 -2.96 -18.31
N TYR C 3 15.03 -2.34 -17.14
CA TYR C 3 14.87 -0.88 -17.06
C TYR C 3 16.12 -0.09 -16.62
N ARG C 4 16.16 1.18 -17.03
CA ARG C 4 17.25 2.07 -16.68
C ARG C 4 16.75 3.05 -15.63
N VAL C 5 17.37 3.05 -14.46
CA VAL C 5 16.96 3.93 -13.38
C VAL C 5 17.82 5.18 -13.24
N LYS C 6 17.17 6.34 -13.06
CA LYS C 6 17.91 7.58 -12.87
C LYS C 6 17.44 8.25 -11.58
N ILE C 7 18.33 8.99 -10.95
CA ILE C 7 18.00 9.71 -9.72
C ILE C 7 18.20 11.18 -9.99
N HIS C 8 17.22 12.00 -9.62
CA HIS C 8 17.35 13.42 -9.84
C HIS C 8 18.36 13.99 -8.87
N LYS C 9 19.05 15.05 -9.30
CA LYS C 9 20.05 15.70 -8.48
C LYS C 9 19.48 16.17 -7.14
N GLN C 10 18.28 16.74 -7.17
CA GLN C 10 17.67 17.25 -5.94
C GLN C 10 17.46 16.14 -4.91
N VAL C 11 17.25 14.92 -5.37
CA VAL C 11 17.04 13.79 -4.47
C VAL C 11 18.33 13.35 -3.75
N VAL C 12 19.47 13.51 -4.41
CA VAL C 12 20.75 13.11 -3.84
C VAL C 12 20.93 13.75 -2.48
N LYS C 13 20.43 14.97 -2.35
CA LYS C 13 20.51 15.71 -1.11
C LYS C 13 19.85 14.92 0.01
N ALA C 14 18.60 14.51 -0.22
CA ALA C 14 17.83 13.76 0.77
C ALA C 14 18.50 12.43 1.09
N LEU C 15 19.14 11.83 0.09
CA LEU C 15 19.81 10.55 0.26
C LEU C 15 20.97 10.55 1.24
N GLN C 16 21.83 11.56 1.16
CA GLN C 16 22.98 11.63 2.06
C GLN C 16 22.66 11.95 3.52
N SER C 17 21.37 12.11 3.84
CA SER C 17 20.97 12.37 5.22
C SER C 17 20.22 11.14 5.70
N LEU C 18 20.37 10.06 4.95
CA LEU C 18 19.71 8.79 5.24
C LEU C 18 20.68 7.87 5.99
N PRO C 19 20.22 7.27 7.11
CA PRO C 19 21.13 6.38 7.84
C PRO C 19 21.60 5.28 6.87
N LYS C 20 22.82 4.81 7.06
CA LYS C 20 23.38 3.77 6.19
C LYS C 20 22.47 2.57 5.85
N ALA C 21 21.69 2.10 6.82
CA ALA C 21 20.80 0.95 6.61
C ALA C 21 19.66 1.31 5.66
N HIS C 22 19.11 2.51 5.84
CA HIS C 22 18.02 2.99 5.00
C HIS C 22 18.53 3.24 3.58
N TYR C 23 19.78 3.69 3.50
CA TYR C 23 20.40 3.95 2.21
C TYR C 23 20.55 2.65 1.44
N ARG C 24 20.97 1.61 2.17
CA ARG C 24 21.14 0.28 1.58
C ARG C 24 19.84 -0.27 1.05
N ARG C 25 18.75 -0.03 1.77
CA ARG C 25 17.43 -0.48 1.35
C ARG C 25 17.15 0.25 0.02
N PHE C 26 17.58 1.50 -0.10
CA PHE C 26 17.37 2.28 -1.33
C PHE C 26 18.14 1.71 -2.53
N LEU C 27 19.35 1.23 -2.29
CA LEU C 27 20.15 0.68 -3.38
C LEU C 27 19.53 -0.64 -3.83
N GLU C 28 18.90 -1.35 -2.88
CA GLU C 28 18.27 -2.61 -3.25
C GLU C 28 17.02 -2.26 -4.08
N PHE C 29 16.28 -1.24 -3.63
CA PHE C 29 15.09 -0.78 -4.34
C PHE C 29 15.49 -0.51 -5.79
N ARG C 30 16.57 0.25 -5.96
CA ARG C 30 17.10 0.57 -7.28
C ARG C 30 17.34 -0.69 -8.13
N ASP C 31 17.98 -1.69 -7.54
CA ASP C 31 18.29 -2.91 -8.27
C ASP C 31 17.06 -3.71 -8.68
N ILE C 32 16.05 -3.73 -7.83
CA ILE C 32 14.82 -4.44 -8.14
C ILE C 32 14.08 -3.67 -9.23
N LEU C 33 14.16 -2.35 -9.17
CA LEU C 33 13.53 -1.46 -10.14
C LEU C 33 14.03 -1.77 -11.55
N GLU C 34 15.24 -2.30 -11.63
CA GLU C 34 15.81 -2.62 -12.93
C GLU C 34 15.02 -3.71 -13.64
N TYR C 35 14.42 -4.62 -12.87
CA TYR C 35 13.66 -5.72 -13.44
C TYR C 35 12.15 -5.63 -13.22
N GLU C 36 11.75 -5.11 -12.06
CA GLU C 36 10.36 -5.02 -11.68
C GLU C 36 10.07 -3.56 -11.35
N PRO C 37 9.57 -2.80 -12.35
CA PRO C 37 9.23 -1.38 -12.23
C PRO C 37 8.23 -1.03 -11.15
N VAL C 38 7.35 -1.95 -10.80
CA VAL C 38 6.34 -1.69 -9.76
C VAL C 38 6.33 -2.86 -8.78
N PRO C 39 7.37 -2.96 -7.92
CA PRO C 39 7.54 -4.00 -6.90
C PRO C 39 6.56 -3.85 -5.73
N ARG C 40 5.28 -3.89 -6.05
CA ARG C 40 4.20 -3.75 -5.08
C ARG C 40 4.35 -4.52 -3.79
N GLU C 41 4.40 -5.85 -3.88
CA GLU C 41 4.53 -6.70 -2.69
C GLU C 41 5.75 -6.40 -1.85
N LYS C 42 6.84 -6.03 -2.51
CA LYS C 42 8.07 -5.74 -1.80
C LYS C 42 8.17 -4.38 -1.14
N PHE C 43 7.68 -3.32 -1.80
CA PHE C 43 7.77 -1.97 -1.23
C PHE C 43 6.43 -1.22 -1.16
N ASP C 44 5.32 -1.94 -1.03
CA ASP C 44 3.99 -1.33 -0.96
C ASP C 44 3.85 -0.18 -1.95
N VAL C 45 4.02 -0.47 -3.23
CA VAL C 45 3.94 0.58 -4.24
C VAL C 45 2.53 0.86 -4.72
N ILE C 46 2.19 2.13 -4.82
CA ILE C 46 0.89 2.55 -5.32
C ILE C 46 1.06 3.45 -6.53
N LYS C 47 0.09 3.43 -7.44
CA LYS C 47 0.14 4.28 -8.63
C LYS C 47 -0.58 5.60 -8.33
N LEU C 48 0.19 6.67 -8.25
CA LEU C 48 -0.34 8.00 -7.97
C LEU C 48 -1.02 8.60 -9.20
N GLU C 49 -0.38 8.45 -10.35
CA GLU C 49 -0.87 8.99 -11.61
C GLU C 49 -0.65 7.92 -12.67
N GLY C 50 -1.69 7.59 -13.43
CA GLY C 50 -1.56 6.56 -14.43
C GLY C 50 -1.70 6.90 -15.90
N THR C 51 -1.22 8.08 -16.30
CA THR C 51 -1.30 8.43 -17.72
C THR C 51 -0.55 7.34 -18.53
N GLY C 52 -1.21 6.19 -18.67
CA GLY C 52 -0.76 4.98 -19.37
C GLY C 52 0.63 4.88 -19.96
N ASP C 53 1.19 6.05 -20.27
CA ASP C 53 2.53 6.16 -20.84
C ASP C 53 3.62 6.41 -19.78
N LEU C 54 3.48 7.51 -19.04
CA LEU C 54 4.40 7.87 -17.97
C LEU C 54 3.56 7.84 -16.68
N ASP C 55 3.89 6.97 -15.73
CA ASP C 55 3.13 6.91 -14.47
C ASP C 55 3.96 7.37 -13.28
N LEU C 56 3.26 7.70 -12.20
CA LEU C 56 3.89 8.13 -10.96
C LEU C 56 3.55 7.09 -9.92
N TYR C 57 4.53 6.73 -9.10
CA TYR C 57 4.31 5.73 -8.07
C TYR C 57 4.92 6.19 -6.77
N ARG C 58 4.38 5.71 -5.67
CA ARG C 58 4.92 6.04 -4.35
C ARG C 58 5.32 4.72 -3.72
N ALA C 59 6.57 4.60 -3.33
CA ALA C 59 7.08 3.39 -2.71
C ALA C 59 7.49 3.68 -1.28
N ARG C 60 7.38 2.68 -0.41
CA ARG C 60 7.79 2.84 0.98
C ARG C 60 9.09 2.07 1.20
N LEU C 61 10.09 2.75 1.75
CA LEU C 61 11.37 2.13 2.05
C LEU C 61 11.58 2.21 3.55
N GLY C 62 10.63 1.68 4.30
CA GLY C 62 10.74 1.73 5.75
C GLY C 62 10.09 2.99 6.24
N ASP C 63 10.82 3.76 7.05
CA ASP C 63 10.25 4.97 7.58
C ASP C 63 10.47 6.19 6.72
N TYR C 64 10.27 6.03 5.41
CA TYR C 64 10.36 7.10 4.43
C TYR C 64 9.80 6.59 3.10
N ARG C 65 9.22 7.50 2.35
CA ARG C 65 8.60 7.17 1.07
C ARG C 65 9.44 7.65 -0.09
N VAL C 66 9.32 6.95 -1.20
CA VAL C 66 10.05 7.28 -2.41
C VAL C 66 9.07 7.45 -3.56
N ILE C 67 9.14 8.61 -4.22
CA ILE C 67 8.27 8.88 -5.35
C ILE C 67 9.05 8.83 -6.67
N TYR C 68 8.59 7.99 -7.58
CA TYR C 68 9.28 7.83 -8.86
C TYR C 68 8.31 7.64 -10.02
N SER C 69 8.85 7.80 -11.22
CA SER C 69 8.05 7.62 -12.40
C SER C 69 8.60 6.48 -13.25
N VAL C 70 7.70 5.90 -14.04
CA VAL C 70 8.07 4.85 -14.94
C VAL C 70 7.63 5.30 -16.31
N ASN C 71 8.54 5.30 -17.27
CA ASN C 71 8.18 5.67 -18.63
C ASN C 71 8.20 4.36 -19.41
N TRP C 72 7.02 3.81 -19.61
CA TRP C 72 6.86 2.55 -20.32
C TRP C 72 7.46 2.55 -21.73
N LYS C 73 7.33 3.68 -22.43
CA LYS C 73 7.85 3.79 -23.80
C LYS C 73 9.37 3.88 -23.82
N ASP C 74 9.94 4.66 -22.91
CA ASP C 74 11.38 4.81 -22.86
C ASP C 74 12.09 3.75 -22.03
N LYS C 75 11.32 3.07 -21.18
CA LYS C 75 11.88 2.03 -20.30
C LYS C 75 12.80 2.71 -19.29
N VAL C 76 12.47 3.95 -18.95
CA VAL C 76 13.24 4.71 -17.98
C VAL C 76 12.44 4.93 -16.70
N ILE C 77 13.14 4.83 -15.57
CA ILE C 77 12.53 5.00 -14.26
C ILE C 77 13.30 6.10 -13.57
N LYS C 78 12.59 7.11 -13.08
CA LYS C 78 13.23 8.24 -12.42
C LYS C 78 12.82 8.41 -10.96
N ILE C 79 13.82 8.47 -10.09
CA ILE C 79 13.59 8.67 -8.67
C ILE C 79 13.47 10.18 -8.55
N LEU C 80 12.26 10.63 -8.24
CA LEU C 80 11.92 12.05 -8.17
C LEU C 80 12.05 12.75 -6.83
N LYS C 81 11.46 12.18 -5.78
CA LYS C 81 11.49 12.79 -4.47
C LYS C 81 11.41 11.80 -3.31
N LEU C 82 11.97 12.22 -2.17
CA LEU C 82 11.96 11.42 -0.95
C LEU C 82 11.05 12.12 0.07
N LYS C 83 10.26 11.34 0.80
CA LYS C 83 9.34 11.88 1.81
C LYS C 83 9.36 11.07 3.12
N PRO C 84 9.04 11.73 4.25
CA PRO C 84 8.97 11.23 5.64
C PRO C 84 7.99 10.07 5.85
N ARG C 85 7.63 9.81 7.12
CA ARG C 85 6.68 8.74 7.42
C ARG C 85 5.45 9.29 6.71
N GLY C 86 5.22 10.59 6.82
CA GLY C 86 4.13 11.13 6.03
C GLY C 86 2.86 11.84 6.45
N ARG C 87 2.47 11.80 7.71
CA ARG C 87 1.24 12.53 7.99
C ARG C 87 1.82 13.95 8.03
N ALA C 88 1.13 14.92 8.60
CA ALA C 88 1.81 16.20 8.65
C ALA C 88 2.94 15.93 9.65
N GLY D 7 20.59 -5.75 -28.75
CA GLY D 7 19.42 -5.54 -29.66
C GLY D 7 19.16 -6.80 -30.46
N ASP D 8 18.18 -7.59 -30.05
CA ASP D 8 17.90 -8.84 -30.73
C ASP D 8 16.47 -9.30 -30.61
N VAL D 9 16.33 -10.63 -30.56
CA VAL D 9 15.05 -11.27 -30.41
C VAL D 9 14.82 -11.19 -28.92
N LEU D 10 15.93 -11.14 -28.17
CA LEU D 10 15.90 -11.03 -26.73
C LEU D 10 15.42 -9.62 -26.39
N LYS D 11 16.01 -8.63 -27.04
CA LYS D 11 15.60 -7.24 -26.80
C LYS D 11 14.09 -7.18 -27.07
N GLU D 12 13.65 -7.94 -28.07
CA GLU D 12 12.24 -7.98 -28.41
C GLU D 12 11.50 -8.71 -27.29
N LEU D 13 12.08 -9.79 -26.78
CA LEU D 13 11.48 -10.52 -25.67
C LEU D 13 11.33 -9.55 -24.52
N GLU D 14 12.36 -8.73 -24.31
CA GLU D 14 12.35 -7.73 -23.25
C GLU D 14 11.17 -6.79 -23.46
N ARG D 15 10.95 -6.39 -24.71
CA ARG D 15 9.86 -5.48 -25.03
C ARG D 15 8.52 -6.10 -24.64
N LEU D 16 8.33 -7.39 -24.86
CA LEU D 16 7.07 -8.01 -24.47
C LEU D 16 6.87 -7.92 -22.96
N LYS D 17 7.92 -8.27 -22.22
CA LYS D 17 7.88 -8.24 -20.77
C LYS D 17 7.43 -6.86 -20.28
N VAL D 18 8.04 -5.83 -20.85
CA VAL D 18 7.71 -4.45 -20.47
C VAL D 18 6.23 -4.16 -20.68
N GLU D 19 5.70 -4.62 -21.81
CA GLU D 19 4.29 -4.44 -22.15
C GLU D 19 3.41 -5.13 -21.11
N ILE D 20 3.76 -6.37 -20.77
CA ILE D 20 2.99 -7.11 -19.77
C ILE D 20 2.96 -6.39 -18.43
N GLN D 21 4.12 -5.90 -17.99
CA GLN D 21 4.20 -5.19 -16.72
C GLN D 21 3.42 -3.90 -16.84
N ARG D 22 3.49 -3.29 -18.02
CA ARG D 22 2.77 -2.06 -18.30
C ARG D 22 1.29 -2.34 -18.06
N LEU D 23 0.82 -3.44 -18.64
CA LEU D 23 -0.57 -3.87 -18.50
C LEU D 23 -0.92 -4.04 -17.03
N GLU D 24 -0.07 -4.75 -16.28
CA GLU D 24 -0.31 -4.96 -14.85
C GLU D 24 -0.55 -3.62 -14.17
N ALA D 25 0.27 -2.64 -14.54
CA ALA D 25 0.16 -1.29 -14.00
C ALA D 25 -1.14 -0.63 -14.41
N MET D 26 -1.59 -0.89 -15.64
CA MET D 26 -2.83 -0.30 -16.11
C MET D 26 -4.01 -0.84 -15.30
N LEU D 27 -3.99 -2.13 -15.00
CA LEU D 27 -5.06 -2.72 -14.21
C LEU D 27 -5.06 -2.17 -12.78
N MET D 28 -3.98 -1.51 -12.39
CA MET D 28 -3.89 -0.91 -11.04
C MET D 28 -4.72 0.36 -10.96
N PRO D 29 -5.34 0.61 -9.80
CA PRO D 29 -6.17 1.80 -9.62
C PRO D 29 -5.31 2.96 -9.17
N GLU D 30 -5.63 4.16 -9.63
CA GLU D 30 -4.88 5.32 -9.20
C GLU D 30 -5.15 5.43 -7.71
N GLU D 31 -4.11 5.74 -6.95
CA GLU D 31 -4.24 5.86 -5.51
C GLU D 31 -3.18 6.84 -5.00
N ARG D 32 -3.55 7.63 -4.01
CA ARG D 32 -2.64 8.63 -3.47
C ARG D 32 -2.57 8.64 -1.95
N ASP D 33 -1.55 9.33 -1.44
CA ASP D 33 -1.33 9.48 -0.01
C ASP D 33 -1.97 10.83 0.36
N GLU D 34 -2.52 10.91 1.56
CA GLU D 34 -3.17 12.12 2.04
C GLU D 34 -2.45 13.40 1.68
N ASP D 35 -1.15 13.42 1.94
CA ASP D 35 -0.33 14.60 1.68
C ASP D 35 0.11 14.82 0.23
N ILE D 36 -0.23 13.91 -0.67
CA ILE D 36 0.17 14.07 -2.07
C ILE D 36 -0.96 14.77 -2.82
N THR D 37 -0.70 15.96 -3.34
CA THR D 37 -1.74 16.72 -4.04
C THR D 37 -1.58 16.73 -5.55
N GLU D 38 -2.59 17.26 -6.22
CA GLU D 38 -2.60 17.36 -7.67
C GLU D 38 -1.50 18.31 -8.16
N GLU D 39 -1.16 19.29 -7.33
CA GLU D 39 -0.13 20.27 -7.68
C GLU D 39 1.22 19.56 -7.59
N GLU D 40 1.40 18.77 -6.54
CA GLU D 40 2.63 18.02 -6.35
C GLU D 40 2.76 17.03 -7.50
N ILE D 41 1.67 16.36 -7.82
CA ILE D 41 1.65 15.40 -8.91
C ILE D 41 1.98 16.07 -10.24
N ALA D 42 1.32 17.21 -10.50
CA ALA D 42 1.57 17.96 -11.73
C ALA D 42 3.06 18.33 -11.81
N GLU D 43 3.64 18.67 -10.68
CA GLU D 43 5.04 19.05 -10.60
C GLU D 43 5.98 17.86 -10.78
N LEU D 44 5.68 16.75 -10.09
CA LEU D 44 6.49 15.54 -10.21
C LEU D 44 6.50 15.17 -11.69
N LEU D 45 5.33 15.27 -12.29
CA LEU D 45 5.13 14.97 -13.71
C LEU D 45 6.05 15.80 -14.60
N GLU D 46 6.16 17.09 -14.30
CA GLU D 46 7.03 17.96 -15.08
C GLU D 46 8.46 17.57 -14.80
N LEU D 47 8.73 17.19 -13.55
CA LEU D 47 10.06 16.78 -13.13
C LEU D 47 10.48 15.59 -14.00
N ALA D 48 9.58 14.61 -14.10
CA ALA D 48 9.84 13.40 -14.87
C ALA D 48 10.03 13.64 -16.36
N ARG D 49 9.52 14.76 -16.87
CA ARG D 49 9.65 15.06 -18.30
C ARG D 49 11.03 15.62 -18.65
N ASP D 50 11.76 16.07 -17.63
CA ASP D 50 13.09 16.63 -17.82
C ASP D 50 14.07 15.61 -18.40
N GLU D 51 14.63 15.93 -19.56
CA GLU D 51 15.58 15.05 -20.23
C GLU D 51 16.98 15.67 -20.25
N ASP D 52 17.25 16.59 -19.32
CA ASP D 52 18.56 17.24 -19.24
C ASP D 52 19.58 16.32 -18.57
N PRO D 53 20.45 15.70 -19.36
CA PRO D 53 21.47 14.79 -18.84
C PRO D 53 22.15 15.21 -17.53
N GLU D 54 22.32 16.51 -17.32
CA GLU D 54 23.00 16.98 -16.11
C GLU D 54 22.17 17.00 -14.83
N ASN D 55 20.85 17.03 -14.96
CA ASN D 55 19.98 17.04 -13.79
C ASN D 55 19.80 15.67 -13.15
N TRP D 56 20.22 14.64 -13.85
CA TRP D 56 20.07 13.27 -13.37
C TRP D 56 21.41 12.55 -13.33
N ILE D 57 21.47 11.45 -12.58
CA ILE D 57 22.66 10.63 -12.51
C ILE D 57 22.20 9.19 -12.60
N ASP D 58 22.95 8.37 -13.32
CA ASP D 58 22.61 6.96 -13.44
C ASP D 58 22.57 6.34 -12.06
N ALA D 59 21.44 5.73 -11.72
CA ALA D 59 21.29 5.11 -10.40
C ALA D 59 22.40 4.10 -10.15
N GLU D 60 22.89 3.48 -11.22
CA GLU D 60 23.94 2.48 -11.09
C GLU D 60 25.32 3.07 -10.82
N GLU D 61 25.43 4.39 -10.79
CA GLU D 61 26.72 5.03 -10.51
C GLU D 61 26.99 4.93 -9.01
N LEU D 62 25.92 4.72 -8.24
CA LEU D 62 26.02 4.63 -6.78
C LEU D 62 26.60 3.32 -6.28
N PRO D 63 27.69 3.39 -5.50
CA PRO D 63 28.42 2.26 -4.91
C PRO D 63 27.75 1.66 -3.69
N GLU D 64 27.91 0.35 -3.52
CA GLU D 64 27.37 -0.34 -2.36
C GLU D 64 28.39 -0.14 -1.25
N PRO D 65 28.12 0.80 -0.34
CA PRO D 65 28.86 1.27 0.84
C PRO D 65 29.75 0.28 1.58
N GLU D 66 30.73 0.84 2.28
CA GLU D 66 31.64 0.03 3.08
C GLU D 66 31.06 -0.06 4.47
N ASP D 67 31.47 -1.11 5.18
CA ASP D 67 31.04 -1.37 6.55
C ASP D 67 32.25 -1.04 7.41
#